data_9IT4
#
_entry.id   9IT4
#
_cell.length_a   39.130
_cell.length_b   70.384
_cell.length_c   110.466
_cell.angle_alpha   90.000
_cell.angle_beta   90.000
_cell.angle_gamma   90.000
#
_symmetry.space_group_name_H-M   'P 2 21 21'
#
loop_
_entity.id
_entity.type
_entity.pdbx_description
1 polymer 'Histone-lysine N-methyltransferase, H3 lysine-9 specific'
2 polymer 'Histone H3.1/H3.2'
3 non-polymer S-ADENOSYLMETHIONINE
4 non-polymer 'ZINC ION'
5 water water
#
loop_
_entity_poly.entity_id
_entity_poly.type
_entity_poly.pdbx_seq_one_letter_code
_entity_poly.pdbx_strand_id
1 'polypeptide(L)'
;GPSKLDSYTHLSFYEKRELFRKKLREIEGPEVTLVNEVDDEPCPSLDFQFISQYRLTQGVIPPDPNFQSGCNCSSLGGCD
LNNPSRCECLDDLDEPTHFAYDAQGRVRADTGAVIYECNSFCSCSMECPNRVVQRGRTLPLEIFKTKEKGWGVRSLRFAP
AGTFITCYLGEVITSAEAAKRDKNYDDDGITYLFDLDMFDDASEYTVDAQNYGDVSRFFNHSCSPNIAIYSAVRNHGFRT
IYDLAFFAIKDIQPLEELTFDYAGAKDFSPVQSQKSQQNRISKLRRQCKCGSANCRGWLFG
;
B
2 'polypeptide(L)' TKQTAR(NLE)STGGCAPRKQ F
#
# COMPACT_ATOMS: atom_id res chain seq x y z
N ASP A 6 -2.13 -26.52 13.03
CA ASP A 6 -1.13 -25.53 13.43
C ASP A 6 0.18 -26.25 13.79
N SER A 7 1.24 -25.94 13.02
CA SER A 7 2.53 -26.55 13.29
C SER A 7 3.18 -25.92 14.51
N TYR A 8 2.86 -24.69 14.85
CA TYR A 8 3.31 -24.09 16.11
C TYR A 8 2.28 -24.41 17.19
N THR A 9 2.43 -25.61 17.76
CA THR A 9 1.65 -26.00 18.92
C THR A 9 2.52 -26.31 20.13
N HIS A 10 3.83 -26.23 19.95
CA HIS A 10 4.77 -26.48 21.01
C HIS A 10 5.25 -25.17 21.51
N LEU A 11 4.77 -24.11 20.89
CA LEU A 11 5.09 -22.83 21.41
C LEU A 11 3.87 -22.36 22.18
N SER A 12 4.07 -21.51 23.16
CA SER A 12 2.99 -21.04 24.00
C SER A 12 2.40 -19.79 23.48
N PHE A 13 1.18 -19.49 23.90
CA PHE A 13 0.58 -18.25 23.55
C PHE A 13 1.54 -17.17 23.91
N TYR A 14 2.20 -17.23 25.04
CA TYR A 14 3.07 -16.13 25.33
C TYR A 14 4.25 -16.02 24.37
N GLU A 15 4.93 -17.10 24.10
CA GLU A 15 6.11 -17.03 23.28
C GLU A 15 5.81 -16.68 21.83
N LYS A 16 4.69 -17.14 21.32
CA LYS A 16 4.30 -16.81 19.96
C LYS A 16 4.01 -15.32 19.82
N ARG A 17 3.36 -14.73 20.81
CA ARG A 17 3.08 -13.33 20.80
C ARG A 17 4.36 -12.57 21.00
N GLU A 18 5.21 -13.06 21.85
CA GLU A 18 6.48 -12.40 22.02
C GLU A 18 7.35 -12.49 20.77
N LEU A 19 7.32 -13.63 20.12
CA LEU A 19 8.10 -13.80 18.90
C LEU A 19 7.59 -12.89 17.79
N PHE A 20 6.28 -12.76 17.64
CA PHE A 20 5.73 -11.83 16.67
C PHE A 20 6.02 -10.39 17.06
N ARG A 21 6.00 -10.09 18.37
CA ARG A 21 6.34 -8.75 18.82
C ARG A 21 7.79 -8.41 18.46
N LYS A 22 8.72 -9.35 18.68
CA LYS A 22 10.10 -9.13 18.31
C LYS A 22 10.25 -9.00 16.80
N LYS A 23 9.40 -9.69 16.04
CA LYS A 23 9.39 -9.52 14.59
C LYS A 23 8.98 -8.09 14.23
N LEU A 24 7.99 -7.55 14.93
CA LEU A 24 7.58 -6.17 14.69
C LEU A 24 8.69 -5.19 15.04
N ARG A 25 9.44 -5.46 16.12
CA ARG A 25 10.51 -4.55 16.54
C ARG A 25 11.62 -4.48 15.50
N GLU A 26 11.81 -5.53 14.70
CA GLU A 26 12.84 -5.53 13.67
C GLU A 26 12.50 -4.64 12.49
N ILE A 27 11.26 -4.16 12.39
CA ILE A 27 10.86 -3.34 11.25
C ILE A 27 11.51 -1.96 11.37
N GLU A 28 12.14 -1.51 10.28
CA GLU A 28 12.72 -0.18 10.24
C GLU A 28 11.63 0.85 9.99
N GLY A 29 11.71 1.97 10.72
CA GLY A 29 10.72 3.01 10.62
C GLY A 29 9.94 3.17 11.91
N PRO A 30 8.80 3.86 11.83
CA PRO A 30 7.97 4.03 13.03
C PRO A 30 7.49 2.69 13.56
N GLU A 31 7.36 2.61 14.88
CA GLU A 31 7.09 1.33 15.55
C GLU A 31 5.71 0.79 15.17
N VAL A 32 5.62 -0.52 15.11
CA VAL A 32 4.36 -1.23 14.89
C VAL A 32 4.11 -2.11 16.10
N THR A 33 2.90 -2.01 16.66
CA THR A 33 2.53 -2.74 17.86
C THR A 33 1.43 -3.74 17.56
N LEU A 34 1.34 -4.76 18.41
CA LEU A 34 0.36 -5.83 18.27
C LEU A 34 -0.40 -5.95 19.58
N VAL A 35 -1.73 -5.84 19.51
CA VAL A 35 -2.59 -6.05 20.67
C VAL A 35 -3.73 -6.98 20.25
N ASN A 36 -4.25 -7.73 21.21
CA ASN A 36 -5.41 -8.58 20.99
C ASN A 36 -6.20 -8.65 22.29
N GLU A 37 -7.21 -7.78 22.40
CA GLU A 37 -8.11 -7.79 23.55
C GLU A 37 -9.48 -8.33 23.17
N VAL A 38 -9.55 -9.16 22.12
CA VAL A 38 -10.79 -9.59 21.51
C VAL A 38 -10.97 -11.11 21.59
N ASP A 39 -9.96 -11.86 21.17
CA ASP A 39 -10.00 -13.32 21.26
C ASP A 39 -8.65 -13.81 21.76
N ASP A 40 -8.45 -15.13 21.72
CA ASP A 40 -7.26 -15.76 22.29
C ASP A 40 -6.19 -16.06 21.26
N GLU A 41 -6.35 -15.60 20.02
CA GLU A 41 -5.32 -15.82 19.01
C GLU A 41 -4.08 -15.02 19.38
N PRO A 42 -2.91 -15.64 19.49
CA PRO A 42 -1.74 -14.90 20.00
C PRO A 42 -1.23 -13.85 19.03
N CYS A 43 -1.20 -14.15 17.74
CA CYS A 43 -0.62 -13.25 16.75
C CYS A 43 -0.95 -13.74 15.35
N PRO A 44 -0.66 -12.95 14.31
CA PRO A 44 -0.75 -13.50 12.94
C PRO A 44 0.31 -14.56 12.69
N SER A 45 0.38 -15.07 11.45
CA SER A 45 1.29 -16.16 11.15
C SER A 45 2.73 -15.79 11.48
N LEU A 46 3.41 -16.66 12.23
CA LEU A 46 4.81 -16.46 12.57
C LEU A 46 5.73 -16.66 11.37
N ASP A 47 5.25 -17.26 10.30
CA ASP A 47 6.07 -17.45 9.10
C ASP A 47 6.11 -16.23 8.21
N PHE A 48 5.25 -15.23 8.45
CA PHE A 48 5.23 -14.04 7.62
C PHE A 48 6.52 -13.23 7.79
N GLN A 49 6.97 -12.64 6.69
CA GLN A 49 8.20 -11.84 6.67
C GLN A 49 7.86 -10.41 6.25
N PHE A 50 8.29 -9.44 7.06
CA PHE A 50 8.14 -8.04 6.71
C PHE A 50 9.26 -7.60 5.76
N ILE A 51 8.90 -6.84 4.74
CA ILE A 51 9.83 -6.38 3.73
C ILE A 51 9.66 -4.88 3.52
N SER A 52 10.70 -4.27 2.96
CA SER A 52 10.70 -2.84 2.64
C SER A 52 10.60 -2.56 1.15
N GLN A 53 10.67 -3.58 0.30
CA GLN A 53 10.54 -3.40 -1.14
C GLN A 53 9.93 -4.67 -1.72
N TYR A 54 9.54 -4.58 -3.00
CA TYR A 54 8.88 -5.70 -3.67
C TYR A 54 9.80 -6.92 -3.71
N ARG A 55 9.18 -8.09 -3.60
CA ARG A 55 9.87 -9.38 -3.66
C ARG A 55 9.58 -10.00 -5.03
N LEU A 56 10.42 -9.68 -6.00
CA LEU A 56 10.22 -10.20 -7.35
C LEU A 56 10.43 -11.71 -7.39
N THR A 57 9.69 -12.37 -8.29
CA THR A 57 9.77 -13.80 -8.50
C THR A 57 10.16 -14.07 -9.95
N GLN A 58 10.17 -15.35 -10.32
CA GLN A 58 10.54 -15.72 -11.69
C GLN A 58 9.43 -15.33 -12.66
N GLY A 59 9.83 -14.90 -13.85
CA GLY A 59 8.88 -14.49 -14.87
C GLY A 59 8.45 -13.04 -14.80
N VAL A 60 8.87 -12.31 -13.78
CA VAL A 60 8.52 -10.90 -13.63
C VAL A 60 9.68 -10.07 -14.15
N ILE A 61 9.48 -9.44 -15.30
CA ILE A 61 10.51 -8.62 -15.93
C ILE A 61 10.61 -7.29 -15.18
N PRO A 62 11.76 -6.94 -14.64
CA PRO A 62 11.91 -5.65 -13.95
C PRO A 62 12.13 -4.54 -14.96
N PRO A 63 11.93 -3.29 -14.56
CA PRO A 63 12.19 -2.17 -15.49
C PRO A 63 13.66 -2.11 -15.88
N ASP A 64 13.90 -1.77 -17.13
CA ASP A 64 15.26 -1.66 -17.65
C ASP A 64 15.86 -0.33 -17.22
N PRO A 65 17.00 -0.33 -16.50
CA PRO A 65 17.61 0.95 -16.11
C PRO A 65 18.08 1.79 -17.29
N ASN A 66 18.28 1.19 -18.46
CA ASN A 66 18.69 1.94 -19.64
C ASN A 66 17.56 2.79 -20.23
N PHE A 67 16.33 2.56 -19.80
CA PHE A 67 15.19 3.38 -20.21
C PHE A 67 14.86 4.49 -19.22
N GLN A 68 15.62 4.61 -18.12
CA GLN A 68 15.24 5.47 -17.02
C GLN A 68 15.83 6.87 -17.17
N SER A 69 15.02 7.88 -16.86
CA SER A 69 15.43 9.28 -16.93
C SER A 69 15.14 9.97 -15.61
N GLY A 70 15.88 11.05 -15.35
CA GLY A 70 15.68 11.86 -14.17
C GLY A 70 15.40 13.31 -14.49
N CYS A 71 15.39 14.17 -13.48
CA CYS A 71 15.16 15.60 -13.64
C CYS A 71 16.44 16.38 -13.36
N ASN A 72 16.50 17.56 -13.92
CA ASN A 72 17.66 18.40 -13.80
C ASN A 72 17.27 19.54 -12.91
N CYS A 73 17.14 19.29 -11.63
CA CYS A 73 16.62 20.31 -10.69
C CYS A 73 17.76 20.72 -9.78
N SER A 74 18.99 20.52 -10.23
CA SER A 74 20.16 20.94 -9.46
C SER A 74 20.23 20.25 -8.08
N GLY A 78 15.56 19.97 -2.90
CA GLY A 78 15.60 19.28 -4.18
C GLY A 78 14.80 20.01 -5.21
N CYS A 79 13.77 19.37 -5.74
CA CYS A 79 12.91 20.12 -6.64
C CYS A 79 12.15 21.19 -5.88
N ASP A 80 11.71 22.22 -6.63
CA ASP A 80 10.99 23.35 -6.06
C ASP A 80 9.50 23.16 -6.29
N LEU A 81 8.72 23.27 -5.20
CA LEU A 81 7.29 23.04 -5.30
C LEU A 81 6.57 24.20 -5.98
N ASN A 82 7.09 25.41 -5.85
CA ASN A 82 6.47 26.59 -6.47
C ASN A 82 6.83 26.75 -7.93
N ASN A 83 7.74 25.91 -8.42
CA ASN A 83 8.05 25.89 -9.85
C ASN A 83 8.07 24.50 -10.38
N PRO A 84 6.89 23.96 -10.63
CA PRO A 84 6.81 22.58 -11.15
C PRO A 84 7.13 22.45 -12.63
N SER A 85 7.26 23.56 -13.35
CA SER A 85 7.51 23.48 -14.79
C SER A 85 8.91 22.95 -15.10
N ARG A 86 9.89 23.28 -14.26
CA ARG A 86 11.28 22.91 -14.55
C ARG A 86 11.52 21.41 -14.44
N CYS A 87 10.79 20.73 -13.56
CA CYS A 87 11.04 19.32 -13.29
C CYS A 87 10.51 18.46 -14.43
N GLU A 88 11.38 17.58 -14.95
CA GLU A 88 11.01 16.70 -16.06
C GLU A 88 10.25 15.46 -15.61
N CYS A 89 10.20 15.17 -14.31
CA CYS A 89 9.45 14.01 -13.83
C CYS A 89 7.95 14.19 -13.94
N LEU A 90 7.47 15.42 -14.19
CA LEU A 90 6.05 15.71 -14.26
C LEU A 90 5.59 15.94 -15.70
N ASP A 91 6.34 15.45 -16.69
CA ASP A 91 6.00 15.70 -18.09
C ASP A 91 4.76 14.92 -18.51
N ASP A 92 4.51 13.76 -17.90
CA ASP A 92 3.32 12.98 -18.23
C ASP A 92 2.03 13.65 -17.75
N LEU A 93 2.12 14.69 -16.93
CA LEU A 93 0.95 15.38 -16.41
C LEU A 93 0.49 16.46 -17.37
N ASP A 94 -0.82 16.65 -17.44
CA ASP A 94 -1.39 17.72 -18.24
C ASP A 94 -1.28 19.04 -17.48
N GLU A 95 -1.34 20.14 -18.23
CA GLU A 95 -1.38 21.45 -17.59
C GLU A 95 -2.72 21.64 -16.88
N PRO A 96 -2.74 22.36 -15.75
CA PRO A 96 -1.58 23.02 -15.11
C PRO A 96 -0.66 22.02 -14.39
N THR A 97 0.58 21.93 -14.85
CA THR A 97 1.54 21.01 -14.26
C THR A 97 1.82 21.38 -12.81
N HIS A 98 1.79 20.38 -11.93
CA HIS A 98 2.11 20.58 -10.53
C HIS A 98 2.56 19.25 -9.93
N PHE A 99 3.28 19.35 -8.83
CA PHE A 99 3.64 18.15 -8.07
C PHE A 99 2.42 17.57 -7.39
N ALA A 100 2.52 16.29 -7.02
CA ALA A 100 1.40 15.63 -6.35
C ALA A 100 1.22 16.10 -4.91
N TYR A 101 2.17 16.84 -4.35
CA TYR A 101 2.16 17.18 -2.94
C TYR A 101 2.13 18.69 -2.75
N ASP A 102 1.47 19.11 -1.67
CA ASP A 102 1.41 20.52 -1.30
C ASP A 102 2.55 20.85 -0.34
N ALA A 103 2.54 22.07 0.20
CA ALA A 103 3.62 22.55 1.05
C ALA A 103 3.69 21.80 2.39
N GLN A 104 2.67 21.02 2.74
CA GLN A 104 2.66 20.25 3.98
C GLN A 104 3.09 18.80 3.77
N GLY A 105 3.58 18.46 2.57
CA GLY A 105 4.00 17.10 2.32
C GLY A 105 2.87 16.11 2.15
N ARG A 106 1.65 16.58 1.91
CA ARG A 106 0.49 15.73 1.72
C ARG A 106 0.06 15.76 0.27
N VAL A 107 -0.56 14.67 -0.19
CA VAL A 107 -1.05 14.61 -1.56
C VAL A 107 -2.17 15.64 -1.73
N ARG A 108 -2.18 16.29 -2.89
CA ARG A 108 -3.16 17.32 -3.15
C ARG A 108 -4.53 16.70 -3.42
N ALA A 109 -5.58 17.50 -3.16
CA ALA A 109 -6.93 17.03 -3.43
C ALA A 109 -7.16 16.80 -4.92
N ASP A 110 -6.60 17.68 -5.76
CA ASP A 110 -6.80 17.58 -7.21
C ASP A 110 -5.83 16.62 -7.88
N THR A 111 -4.92 16.00 -7.12
CA THR A 111 -4.04 14.99 -7.69
C THR A 111 -4.83 13.77 -8.12
N GLY A 112 -4.50 13.24 -9.29
CA GLY A 112 -5.14 12.04 -9.80
C GLY A 112 -4.64 10.78 -9.12
N ALA A 113 -4.93 9.64 -9.75
CA ALA A 113 -4.56 8.35 -9.20
C ALA A 113 -3.10 7.99 -9.42
N VAL A 114 -2.38 8.75 -10.25
CA VAL A 114 -0.99 8.47 -10.60
C VAL A 114 -0.11 9.57 -10.04
N ILE A 115 0.90 9.18 -9.27
CA ILE A 115 1.87 10.09 -8.69
C ILE A 115 3.22 9.83 -9.33
N TYR A 116 3.84 10.88 -9.85
CA TYR A 116 5.14 10.78 -10.52
C TYR A 116 6.21 11.34 -9.59
N GLU A 117 6.91 10.44 -8.92
CA GLU A 117 7.96 10.84 -8.00
C GLU A 117 9.33 10.82 -8.69
N CYS A 118 10.32 11.38 -8.01
CA CYS A 118 11.68 11.33 -8.49
C CYS A 118 12.28 9.94 -8.23
N ASN A 119 13.41 9.67 -8.86
CA ASN A 119 14.05 8.37 -8.74
C ASN A 119 15.55 8.52 -8.50
N SER A 120 16.28 7.40 -8.54
CA SER A 120 17.71 7.41 -8.27
C SER A 120 18.53 8.06 -9.37
N PHE A 121 17.95 8.26 -10.56
CA PHE A 121 18.66 8.91 -11.66
C PHE A 121 18.53 10.43 -11.63
N CYS A 122 17.61 10.97 -10.85
CA CYS A 122 17.49 12.42 -10.72
C CYS A 122 18.69 12.98 -9.98
N SER A 123 19.00 14.25 -10.26
CA SER A 123 19.97 15.00 -9.48
C SER A 123 19.27 15.56 -8.24
N CYS A 124 18.85 14.64 -7.38
CA CYS A 124 18.05 14.96 -6.21
C CYS A 124 18.65 14.35 -4.96
N SER A 125 18.44 15.03 -3.83
CA SER A 125 18.75 14.45 -2.54
C SER A 125 17.59 13.56 -2.09
N MET A 126 17.80 12.86 -0.97
CA MET A 126 16.77 11.96 -0.47
C MET A 126 15.62 12.71 0.21
N GLU A 127 15.76 14.01 0.45
CA GLU A 127 14.70 14.82 1.04
C GLU A 127 14.06 15.76 0.01
N CYS A 128 14.02 15.34 -1.25
CA CYS A 128 13.28 16.07 -2.26
C CYS A 128 11.79 16.01 -1.95
N PRO A 129 11.05 17.10 -2.17
CA PRO A 129 9.60 17.09 -1.86
C PRO A 129 8.83 16.05 -2.66
N ASN A 130 9.37 15.56 -3.78
CA ASN A 130 8.71 14.58 -4.61
C ASN A 130 9.13 13.14 -4.30
N ARG A 131 9.54 12.88 -3.06
CA ARG A 131 9.95 11.55 -2.62
C ARG A 131 9.23 11.11 -1.35
N VAL A 132 7.98 11.52 -1.18
CA VAL A 132 7.23 11.21 0.04
C VAL A 132 7.06 9.70 0.18
N VAL A 133 6.66 9.03 -0.90
CA VAL A 133 6.48 7.59 -0.87
C VAL A 133 7.81 6.88 -0.63
N GLN A 134 8.87 7.38 -1.27
CA GLN A 134 10.19 6.75 -1.15
C GLN A 134 10.70 6.81 0.28
N ARG A 135 10.47 7.92 0.97
CA ARG A 135 10.94 8.03 2.35
C ARG A 135 10.23 7.04 3.27
N GLY A 136 9.00 6.68 2.96
CA GLY A 136 8.32 5.60 3.66
C GLY A 136 7.38 6.07 4.74
N ARG A 137 7.01 5.11 5.58
CA ARG A 137 6.01 5.34 6.61
C ARG A 137 6.52 6.30 7.68
N THR A 138 5.64 7.18 8.14
CA THR A 138 5.92 8.07 9.25
C THR A 138 4.94 7.95 10.41
N LEU A 139 3.84 7.21 10.22
CA LEU A 139 2.83 7.06 11.25
C LEU A 139 3.04 5.74 12.00
N PRO A 140 3.18 5.76 13.32
CA PRO A 140 3.20 4.49 14.07
C PRO A 140 1.82 3.83 14.02
N LEU A 141 1.80 2.56 13.64
CA LEU A 141 0.57 1.81 13.46
C LEU A 141 0.49 0.69 14.47
N GLU A 142 -0.73 0.16 14.65
CA GLU A 142 -0.99 -0.90 15.62
C GLU A 142 -1.85 -1.96 14.98
N ILE A 143 -1.38 -3.20 15.01
CA ILE A 143 -2.15 -4.35 14.53
C ILE A 143 -3.01 -4.88 15.67
N PHE A 144 -4.30 -5.02 15.42
CA PHE A 144 -5.25 -5.46 16.44
C PHE A 144 -6.26 -6.42 15.83
N LYS A 145 -6.86 -7.23 16.70
CA LYS A 145 -7.90 -8.16 16.29
C LYS A 145 -9.25 -7.44 16.29
N THR A 146 -10.02 -7.63 15.22
CA THR A 146 -11.34 -7.01 15.09
C THR A 146 -12.43 -7.99 15.47
N LYS A 147 -13.66 -7.49 15.51
CA LYS A 147 -14.82 -8.29 15.86
C LYS A 147 -15.10 -9.45 14.90
N GLU A 148 -15.37 -9.11 13.65
CA GLU A 148 -15.88 -10.07 12.68
C GLU A 148 -14.92 -10.31 11.53
N LYS A 149 -13.99 -9.40 11.29
CA LYS A 149 -12.93 -9.60 10.33
C LYS A 149 -11.74 -10.25 11.04
N GLY A 150 -10.63 -10.41 10.33
CA GLY A 150 -9.43 -10.95 10.95
C GLY A 150 -8.68 -9.85 11.66
N TRP A 151 -7.37 -9.82 11.50
CA TRP A 151 -6.58 -8.73 12.04
C TRP A 151 -6.81 -7.43 11.28
N GLY A 152 -6.47 -6.32 11.94
CA GLY A 152 -6.62 -5.01 11.34
C GLY A 152 -5.55 -4.07 11.87
N VAL A 153 -5.45 -2.91 11.23
CA VAL A 153 -4.45 -1.91 11.59
C VAL A 153 -5.17 -0.59 11.87
N ARG A 154 -4.81 0.05 12.97
CA ARG A 154 -5.32 1.37 13.31
C ARG A 154 -4.16 2.30 13.60
N SER A 155 -4.36 3.59 13.30
CA SER A 155 -3.35 4.59 13.54
C SER A 155 -3.39 5.07 14.98
N LEU A 156 -2.21 5.33 15.55
CA LEU A 156 -2.10 5.86 16.90
C LEU A 156 -2.01 7.38 16.94
N ARG A 157 -1.95 8.04 15.79
CA ARG A 157 -1.86 9.49 15.72
C ARG A 157 -2.91 10.01 14.73
N PHE A 158 -3.19 11.30 14.81
CA PHE A 158 -4.11 11.93 13.88
C PHE A 158 -3.53 11.92 12.49
N ALA A 159 -4.35 11.54 11.50
CA ALA A 159 -3.94 11.44 10.10
C ALA A 159 -4.88 12.30 9.26
N PRO A 160 -4.54 13.58 9.04
CA PRO A 160 -5.39 14.42 8.19
C PRO A 160 -5.40 13.92 6.76
N ALA A 161 -6.45 14.30 6.03
CA ALA A 161 -6.62 13.87 4.65
C ALA A 161 -5.41 14.26 3.83
N GLY A 162 -4.92 13.31 3.03
CA GLY A 162 -3.73 13.50 2.23
C GLY A 162 -2.46 12.92 2.84
N THR A 163 -2.52 12.44 4.08
CA THR A 163 -1.32 11.90 4.73
C THR A 163 -0.97 10.54 4.15
N PHE A 164 0.30 10.38 3.79
CA PHE A 164 0.78 9.09 3.32
C PHE A 164 0.97 8.08 4.44
N ILE A 165 0.38 6.89 4.25
CA ILE A 165 0.47 5.85 5.27
C ILE A 165 1.61 4.87 5.03
N THR A 166 1.51 4.10 3.94
CA THR A 166 2.46 3.04 3.62
C THR A 166 2.07 2.45 2.28
N CYS A 167 2.94 1.57 1.76
CA CYS A 167 2.72 0.87 0.50
C CYS A 167 2.31 -0.58 0.72
N TYR A 168 1.60 -1.13 -0.26
CA TYR A 168 1.23 -2.55 -0.25
C TYR A 168 2.36 -3.33 -0.89
N LEU A 169 3.15 -4.01 -0.08
CA LEU A 169 4.30 -4.77 -0.56
C LEU A 169 3.96 -6.26 -0.59
N GLY A 170 4.92 -7.05 -1.04
CA GLY A 170 4.78 -8.49 -1.11
C GLY A 170 5.49 -9.03 -2.32
N GLU A 171 5.25 -10.31 -2.58
CA GLU A 171 5.81 -10.93 -3.78
C GLU A 171 5.09 -10.41 -5.02
N VAL A 172 5.87 -10.19 -6.09
CA VAL A 172 5.33 -9.82 -7.39
C VAL A 172 5.34 -11.07 -8.25
N ILE A 173 4.16 -11.47 -8.74
CA ILE A 173 3.99 -12.74 -9.43
C ILE A 173 3.25 -12.50 -10.75
N THR A 174 3.34 -13.49 -11.63
CA THR A 174 2.72 -13.42 -12.95
C THR A 174 1.26 -13.87 -12.87
N SER A 175 0.56 -13.72 -14.01
CA SER A 175 -0.84 -14.12 -14.08
C SER A 175 -1.00 -15.62 -13.84
N ALA A 176 -0.10 -16.43 -14.40
CA ALA A 176 -0.17 -17.87 -14.19
C ALA A 176 0.03 -18.22 -12.72
N GLU A 177 0.99 -17.56 -12.05
CA GLU A 177 1.20 -17.83 -10.64
C GLU A 177 0.07 -17.27 -9.79
N ALA A 178 -0.49 -16.12 -10.18
CA ALA A 178 -1.62 -15.56 -9.45
C ALA A 178 -2.82 -16.49 -9.49
N ALA A 179 -3.12 -17.07 -10.66
CA ALA A 179 -4.18 -18.07 -10.75
C ALA A 179 -3.83 -19.32 -9.95
N LYS A 180 -2.55 -19.74 -10.00
CA LYS A 180 -2.14 -20.92 -9.26
C LYS A 180 -2.21 -20.69 -7.76
N ARG A 181 -2.10 -19.44 -7.31
CA ARG A 181 -2.27 -19.10 -5.91
C ARG A 181 -3.67 -18.58 -5.58
N ASP A 182 -4.50 -18.42 -6.59
CA ASP A 182 -5.86 -18.00 -6.37
C ASP A 182 -6.50 -19.16 -5.66
N LYS A 183 -5.73 -20.20 -5.40
CA LYS A 183 -6.18 -21.35 -4.62
C LYS A 183 -6.89 -22.26 -5.63
N ASP A 186 -5.28 -24.29 -0.18
CA ASP A 186 -6.08 -23.81 0.94
C ASP A 186 -6.96 -22.63 0.54
N ASP A 187 -8.15 -22.58 1.12
CA ASP A 187 -9.06 -21.45 0.94
C ASP A 187 -9.93 -21.31 2.18
N ASP A 188 -9.91 -20.11 2.76
CA ASP A 188 -10.72 -19.82 3.95
C ASP A 188 -11.33 -18.43 3.86
N GLY A 189 -11.52 -17.91 2.66
CA GLY A 189 -12.00 -16.56 2.48
C GLY A 189 -10.96 -15.49 2.74
N ILE A 190 -9.70 -15.85 2.86
CA ILE A 190 -8.61 -14.92 3.14
C ILE A 190 -7.71 -14.87 1.91
N THR A 191 -7.52 -13.67 1.37
CA THR A 191 -6.63 -13.47 0.23
C THR A 191 -5.79 -12.23 0.46
N TYR A 192 -4.56 -12.25 -0.05
CA TYR A 192 -3.65 -11.12 0.02
C TYR A 192 -3.19 -10.69 -1.37
N LEU A 193 -3.88 -11.12 -2.41
CA LEU A 193 -3.51 -10.78 -3.78
C LEU A 193 -4.02 -9.39 -4.14
N PHE A 194 -3.16 -8.59 -4.76
CA PHE A 194 -3.48 -7.22 -5.15
C PHE A 194 -3.03 -7.06 -6.61
N ASP A 195 -3.99 -6.92 -7.52
CA ASP A 195 -3.66 -6.79 -8.92
C ASP A 195 -3.00 -5.44 -9.21
N LEU A 196 -1.93 -5.46 -10.01
CA LEU A 196 -1.31 -4.24 -10.52
C LEU A 196 -2.02 -3.86 -11.82
N ASP A 197 -3.23 -3.32 -11.67
CA ASP A 197 -4.10 -3.04 -12.81
C ASP A 197 -4.40 -1.56 -12.99
N MET A 198 -3.57 -0.68 -12.44
CA MET A 198 -3.83 0.76 -12.58
C MET A 198 -3.80 1.17 -14.05
N PHE A 199 -2.85 0.65 -14.82
CA PHE A 199 -2.75 0.95 -16.23
C PHE A 199 -3.23 -0.26 -17.02
N ASP A 200 -4.27 -0.06 -17.84
CA ASP A 200 -4.83 -1.15 -18.62
C ASP A 200 -3.95 -1.52 -19.81
N ASP A 201 -3.05 -0.69 -20.25
CA ASP A 201 -2.22 -1.15 -21.34
C ASP A 201 -1.21 -2.18 -20.85
N ALA A 202 -0.89 -2.16 -19.56
CA ALA A 202 0.02 -3.19 -19.04
C ALA A 202 -0.47 -3.56 -17.64
N SER A 203 -1.30 -4.60 -17.57
CA SER A 203 -1.82 -5.15 -16.31
C SER A 203 -1.50 -6.65 -16.32
N GLU A 204 -0.31 -7.00 -15.84
CA GLU A 204 0.20 -8.36 -15.95
C GLU A 204 0.55 -9.00 -14.62
N TYR A 205 1.02 -8.23 -13.65
CA TYR A 205 1.54 -8.77 -12.40
C TYR A 205 0.58 -8.53 -11.25
N THR A 206 0.76 -9.31 -10.19
CA THR A 206 -0.04 -9.24 -8.98
C THR A 206 0.88 -9.26 -7.77
N VAL A 207 0.53 -8.48 -6.75
CA VAL A 207 1.28 -8.47 -5.50
C VAL A 207 0.62 -9.44 -4.54
N ASP A 208 1.40 -10.40 -4.03
CA ASP A 208 0.93 -11.41 -3.09
C ASP A 208 1.58 -11.15 -1.74
N ALA A 209 0.77 -10.80 -0.75
CA ALA A 209 1.26 -10.48 0.59
C ALA A 209 1.12 -11.64 1.57
N GLN A 210 1.04 -12.87 1.06
CA GLN A 210 0.87 -14.03 1.93
C GLN A 210 2.10 -14.25 2.81
N ASN A 211 3.27 -14.46 2.19
CA ASN A 211 4.49 -14.78 2.90
C ASN A 211 5.39 -13.58 3.13
N TYR A 212 5.45 -12.66 2.17
CA TYR A 212 6.19 -11.42 2.29
C TYR A 212 5.20 -10.27 2.14
N GLY A 213 5.42 -9.18 2.87
CA GLY A 213 4.55 -8.04 2.71
C GLY A 213 4.86 -6.97 3.74
N ASP A 214 4.00 -5.95 3.74
CA ASP A 214 4.07 -4.80 4.62
C ASP A 214 2.95 -4.87 5.65
N VAL A 215 2.92 -3.90 6.57
CA VAL A 215 1.84 -3.80 7.53
C VAL A 215 0.50 -3.58 6.82
N SER A 216 0.54 -3.03 5.61
CA SER A 216 -0.69 -2.84 4.82
C SER A 216 -1.38 -4.17 4.53
N ARG A 217 -0.67 -5.29 4.64
CA ARG A 217 -1.27 -6.61 4.45
C ARG A 217 -2.40 -6.88 5.44
N PHE A 218 -2.45 -6.14 6.54
CA PHE A 218 -3.54 -6.29 7.52
C PHE A 218 -4.63 -5.24 7.37
N PHE A 219 -4.56 -4.39 6.35
CA PHE A 219 -5.62 -3.42 6.11
C PHE A 219 -6.89 -4.13 5.67
N ASN A 220 -8.01 -3.78 6.29
CA ASN A 220 -9.29 -4.39 5.97
C ASN A 220 -10.04 -3.56 4.93
N HIS A 221 -11.12 -4.15 4.41
CA HIS A 221 -11.96 -3.49 3.42
C HIS A 221 -13.08 -2.74 4.11
N SER A 222 -13.46 -1.60 3.54
CA SER A 222 -14.64 -0.86 3.97
C SER A 222 -15.30 -0.25 2.75
N CYS A 223 -16.63 -0.31 2.72
CA CYS A 223 -17.39 0.35 1.66
C CYS A 223 -17.40 1.86 1.82
N SER A 224 -16.97 2.37 2.97
CA SER A 224 -16.74 3.80 3.18
C SER A 224 -15.32 3.97 3.71
N PRO A 225 -14.32 3.77 2.86
CA PRO A 225 -12.93 3.75 3.33
C PRO A 225 -12.43 5.13 3.72
N ASN A 226 -11.38 5.13 4.54
CA ASN A 226 -10.69 6.35 4.93
C ASN A 226 -9.30 6.50 4.32
N ILE A 227 -8.80 5.47 3.62
CA ILE A 227 -7.56 5.55 2.87
C ILE A 227 -7.81 5.03 1.47
N ALA A 228 -6.93 5.41 0.54
CA ALA A 228 -7.08 5.02 -0.86
C ALA A 228 -5.73 4.80 -1.48
N ILE A 229 -5.74 4.09 -2.59
CA ILE A 229 -4.51 3.79 -3.28
C ILE A 229 -4.10 4.75 -4.37
N TYR A 230 -2.85 5.09 -4.36
CA TYR A 230 -2.27 5.92 -5.41
C TYR A 230 -1.12 5.14 -6.03
N SER A 231 -1.00 5.21 -7.36
CA SER A 231 0.08 4.53 -8.07
C SER A 231 1.27 5.49 -8.12
N ALA A 232 2.25 5.26 -7.24
CA ALA A 232 3.45 6.09 -7.21
C ALA A 232 4.43 5.54 -8.24
N VAL A 233 4.61 6.28 -9.33
CA VAL A 233 5.42 5.85 -10.46
C VAL A 233 6.69 6.68 -10.48
N ARG A 234 7.83 6.02 -10.34
CA ARG A 234 9.13 6.67 -10.45
C ARG A 234 9.91 6.21 -11.67
N ASN A 235 9.33 5.33 -12.49
CA ASN A 235 9.98 4.85 -13.70
C ASN A 235 9.35 5.59 -14.88
N HIS A 236 10.08 5.55 -15.97
CA HIS A 236 9.67 6.24 -17.18
C HIS A 236 8.35 6.04 -17.86
N GLY A 237 8.12 4.85 -18.29
CA GLY A 237 6.95 4.55 -19.10
C GLY A 237 6.59 3.13 -18.73
N PHE A 238 7.36 2.61 -17.79
CA PHE A 238 7.14 1.28 -17.22
C PHE A 238 5.86 1.30 -16.39
N ARG A 239 4.83 0.60 -16.84
CA ARG A 239 3.53 0.64 -16.17
C ARG A 239 3.04 -0.70 -15.75
N THR A 240 3.94 -1.63 -15.62
CA THR A 240 3.59 -2.95 -15.09
C THR A 240 3.87 -3.08 -13.60
N ILE A 241 4.88 -2.38 -13.09
CA ILE A 241 5.24 -2.42 -11.68
C ILE A 241 5.33 -0.99 -11.17
N TYR A 242 4.68 -0.72 -10.04
CA TYR A 242 4.68 0.62 -9.44
C TYR A 242 4.32 0.46 -7.98
N ASP A 243 4.57 1.53 -7.22
CA ASP A 243 4.27 1.53 -5.79
C ASP A 243 2.78 1.69 -5.55
N LEU A 244 2.20 0.82 -4.71
CA LEU A 244 0.80 0.93 -4.31
C LEU A 244 0.76 1.70 -3.00
N ALA A 245 0.76 3.02 -3.11
CA ALA A 245 0.85 3.90 -1.95
C ALA A 245 -0.53 4.20 -1.39
N PHE A 246 -0.69 3.99 -0.09
CA PHE A 246 -1.94 4.31 0.59
C PHE A 246 -1.90 5.73 1.13
N PHE A 247 -2.88 6.54 0.76
CA PHE A 247 -3.01 7.91 1.24
C PHE A 247 -4.37 8.07 1.92
N ALA A 248 -4.39 8.86 2.99
CA ALA A 248 -5.62 9.10 3.73
C ALA A 248 -6.52 10.04 2.94
N ILE A 249 -7.74 9.59 2.63
CA ILE A 249 -8.73 10.43 1.99
C ILE A 249 -9.71 11.05 2.97
N LYS A 250 -9.59 10.72 4.26
CA LYS A 250 -10.42 11.28 5.31
C LYS A 250 -9.56 11.55 6.53
N ASP A 251 -10.01 12.46 7.38
CA ASP A 251 -9.31 12.76 8.62
C ASP A 251 -9.41 11.57 9.56
N ILE A 252 -8.30 10.87 9.75
CA ILE A 252 -8.25 9.66 10.56
C ILE A 252 -7.75 10.02 11.95
N GLN A 253 -8.57 9.75 12.96
CA GLN A 253 -8.25 10.02 14.36
C GLN A 253 -7.51 8.84 14.96
N PRO A 254 -6.84 9.05 16.10
CA PRO A 254 -6.13 7.93 16.75
C PRO A 254 -7.08 6.79 17.10
N LEU A 255 -6.56 5.56 17.01
CA LEU A 255 -7.25 4.31 17.27
C LEU A 255 -8.34 3.99 16.27
N GLU A 256 -8.47 4.79 15.21
CA GLU A 256 -9.43 4.49 14.15
C GLU A 256 -8.82 3.49 13.17
N GLU A 257 -9.60 2.48 12.80
CA GLU A 257 -9.11 1.44 11.91
C GLU A 257 -8.90 1.99 10.51
N LEU A 258 -7.75 1.64 9.91
CA LEU A 258 -7.44 2.03 8.55
C LEU A 258 -8.05 1.02 7.58
N THR A 259 -8.85 1.50 6.63
CA THR A 259 -9.52 0.64 5.67
C THR A 259 -9.48 1.28 4.30
N PHE A 260 -9.47 0.44 3.26
CA PHE A 260 -9.56 0.92 1.89
C PHE A 260 -10.53 0.04 1.12
N ASP A 261 -11.06 0.59 0.04
CA ASP A 261 -11.99 -0.13 -0.83
C ASP A 261 -11.22 -1.13 -1.66
N TYR A 262 -11.48 -2.42 -1.44
CA TYR A 262 -10.78 -3.46 -2.20
C TYR A 262 -11.09 -3.37 -3.68
N ALA A 263 -12.30 -2.93 -4.03
CA ALA A 263 -12.64 -2.71 -5.43
C ALA A 263 -11.76 -1.62 -6.04
N GLY A 264 -11.68 -0.49 -5.37
CA GLY A 264 -10.91 0.65 -5.86
C GLY A 264 -11.76 1.69 -6.57
N ALA A 265 -12.26 2.68 -5.86
CA ALA A 265 -13.18 3.66 -6.49
C ALA A 265 -12.70 5.09 -6.51
N ARG A 285 -14.96 -13.34 1.68
CA ARG A 285 -15.76 -14.38 2.32
C ARG A 285 -17.18 -13.99 2.73
N ARG A 286 -18.16 -14.52 2.00
CA ARG A 286 -19.58 -14.32 2.25
C ARG A 286 -19.74 -12.81 2.31
N GLN A 287 -20.35 -12.29 3.38
CA GLN A 287 -20.72 -10.88 3.47
C GLN A 287 -19.66 -9.94 4.04
N CYS A 288 -19.82 -8.67 3.71
CA CYS A 288 -18.93 -7.62 4.20
C CYS A 288 -19.36 -7.19 5.60
N LYS A 289 -18.39 -7.13 6.52
CA LYS A 289 -18.64 -6.75 7.90
C LYS A 289 -18.10 -5.35 8.21
N CYS A 290 -18.05 -4.47 7.20
CA CYS A 290 -17.53 -3.13 7.42
C CYS A 290 -18.46 -2.30 8.30
N GLY A 291 -19.76 -2.54 8.22
CA GLY A 291 -20.71 -1.84 9.04
C GLY A 291 -21.08 -0.45 8.59
N SER A 292 -20.65 -0.04 7.39
CA SER A 292 -21.05 1.25 6.87
C SER A 292 -22.51 1.23 6.44
N ALA A 293 -23.15 2.41 6.46
CA ALA A 293 -24.54 2.51 6.04
C ALA A 293 -24.72 2.29 4.54
N ASN A 294 -23.66 2.33 3.76
CA ASN A 294 -23.72 2.12 2.32
C ASN A 294 -22.99 0.84 1.91
N CYS A 295 -22.94 -0.15 2.80
CA CYS A 295 -22.22 -1.38 2.51
C CYS A 295 -22.88 -2.12 1.36
N ARG A 296 -22.09 -2.43 0.32
CA ARG A 296 -22.60 -3.14 -0.84
C ARG A 296 -22.82 -4.63 -0.55
N GLY A 297 -22.23 -5.16 0.52
CA GLY A 297 -22.41 -6.54 0.90
C GLY A 297 -21.37 -7.50 0.36
N TRP A 298 -20.55 -7.07 -0.61
CA TRP A 298 -19.54 -7.94 -1.22
C TRP A 298 -18.21 -7.22 -1.23
N LEU A 299 -17.14 -7.96 -0.87
CA LEU A 299 -15.80 -7.41 -0.95
C LEU A 299 -15.27 -7.39 -2.38
N PHE A 300 -15.65 -8.38 -3.19
CA PHE A 300 -15.12 -8.56 -4.55
C PHE A 300 -13.61 -8.70 -4.55
N GLY A 301 -13.04 -9.20 -3.45
CA GLY A 301 -11.61 -9.36 -3.33
C GLY A 301 -11.18 -9.84 -1.95
N GLN B 3 -14.37 -9.95 -12.16
CA GLN B 3 -13.24 -10.57 -12.83
C GLN B 3 -12.48 -11.53 -11.96
N THR B 4 -12.22 -11.15 -10.72
CA THR B 4 -11.37 -11.92 -9.83
C THR B 4 -11.80 -11.65 -8.40
N ALA B 5 -11.39 -12.55 -7.50
CA ALA B 5 -11.47 -12.30 -6.07
C ALA B 5 -10.16 -11.68 -5.56
N ARG B 6 -9.78 -10.58 -6.18
CA ARG B 6 -8.49 -9.94 -5.90
C ARG B 6 -8.65 -8.43 -5.73
N SER B 8 -8.05 -4.56 -6.19
CA SER B 8 -7.77 -3.79 -7.40
C SER B 8 -7.51 -2.33 -7.08
N THR B 9 -6.74 -1.67 -7.94
CA THR B 9 -6.54 -0.23 -7.79
C THR B 9 -7.72 0.57 -8.32
N GLY B 10 -8.63 -0.06 -9.05
CA GLY B 10 -9.74 0.64 -9.67
C GLY B 10 -9.42 1.32 -10.97
N GLY B 11 -8.18 1.25 -11.43
CA GLY B 11 -7.78 1.90 -12.66
C GLY B 11 -7.56 3.38 -12.48
N CYS B 12 -7.04 4.02 -13.53
CA CYS B 12 -6.66 5.44 -13.45
C CYS B 12 -7.74 6.43 -13.88
N ALA B 13 -8.93 5.95 -14.15
CA ALA B 13 -10.03 6.80 -14.49
C ALA B 13 -10.13 7.82 -13.42
N PRO B 14 -10.04 9.08 -13.80
CA PRO B 14 -9.97 10.11 -12.79
C PRO B 14 -11.25 10.55 -12.11
N ARG B 15 -11.19 10.66 -10.79
CA ARG B 15 -12.31 11.16 -10.01
C ARG B 15 -11.60 11.70 -8.80
N LYS B 16 -10.28 11.83 -8.91
CA LYS B 16 -9.40 12.28 -7.81
C LYS B 16 -9.33 11.23 -6.69
N GLN B 17 -8.34 10.35 -6.78
CA GLN B 17 -8.25 9.26 -5.83
C GLN B 17 -8.29 9.76 -4.39
#